data_1GZP
#
_entry.id   1GZP
#
_cell.length_a   87.527
_cell.length_b   176.885
_cell.length_c   75.250
_cell.angle_alpha   90.00
_cell.angle_beta   90.00
_cell.angle_gamma   90.00
#
_symmetry.space_group_name_H-M   'C 2 2 21'
#
loop_
_entity.id
_entity.type
_entity.pdbx_description
1 polymer 'T-CELL SURFACE GLYCOPROTEIN CD1B'
2 polymer B2-MICROGLOBULIN
3 non-polymer N-[(1S,2S)-2-HYDROXY-1-({[(2R,3R,4S,5S,6R)-3,4,5-TRIHYDROXY-6-(HYDROXYMETHYL)TETRAHYDRO-2H-PYRAN-2-YL]OXY}METHYL)OCTADECYL]OCTADECANAMIDE
4 non-polymer DODECANE
5 non-polymer DOCOSANE
6 water water
#
loop_
_entity_poly.entity_id
_entity_poly.type
_entity_poly.pdbx_seq_one_letter_code
_entity_poly.pdbx_strand_id
1 'polypeptide(L)'
;MGSEHAFQGPTSFHVIQTSSFTNSTWAQTQGSGWLDDLQIHGWDSDSGTAIFLKPWSKGNFSDKEVAELEEIFRVYIFGF
AREVQDFAGDFQMKYPFEIQGIAGCELHSGGAIVSFLRGALGGLDFLSVKNASCVPSPEGGSRAQKFCALIIQYQGIMET
VRILLYETCPRYLLGVLNAGKADLQRQVKPEAWLSSGPSPGPGRLQLVCHVSGFYPKPVWVMWMRGEQEQQGTQLGDILP
NANWTWYLRATLDVADGEAAGLSCRVKHSSLEGQDIILYWGPGSGGGLNDIFEAQKIEWH
;
A
2 'polypeptide(L)'
;MIQRTPKIQVYSRHPAENGKSNFLNCYVSGFHPSDIEVDLLKNGERIEKVEHSDLSFSKDWSFYLLYYTEFTPTEKDEYA
CRVNHVTLSQPKIVKWDRDM
;
B
#
# COMPACT_ATOMS: atom_id res chain seq x y z
N PHE A 7 -18.34 -8.80 11.56
CA PHE A 7 -17.01 -9.38 11.20
C PHE A 7 -15.94 -8.32 10.93
N GLN A 8 -14.72 -8.60 11.40
CA GLN A 8 -13.58 -7.70 11.24
C GLN A 8 -12.67 -8.09 10.08
N GLY A 9 -11.66 -7.25 9.86
CA GLY A 9 -10.71 -7.48 8.78
C GLY A 9 -11.19 -6.92 7.44
N PRO A 10 -10.54 -7.30 6.33
CA PRO A 10 -10.86 -6.86 4.96
C PRO A 10 -12.24 -7.26 4.44
N THR A 11 -12.86 -6.31 3.75
CA THR A 11 -14.19 -6.48 3.18
C THR A 11 -14.17 -6.30 1.66
N SER A 12 -12.98 -6.11 1.09
CA SER A 12 -12.86 -5.88 -0.35
C SER A 12 -11.78 -6.65 -1.08
N PHE A 13 -12.02 -6.87 -2.37
CA PHE A 13 -11.05 -7.51 -3.24
C PHE A 13 -10.89 -6.61 -4.43
N HIS A 14 -9.64 -6.49 -4.89
CA HIS A 14 -9.31 -5.71 -6.06
C HIS A 14 -8.01 -6.13 -6.72
N VAL A 15 -7.98 -6.02 -8.04
CA VAL A 15 -6.77 -6.30 -8.79
C VAL A 15 -6.27 -4.94 -9.24
N ILE A 16 -4.96 -4.77 -9.30
CA ILE A 16 -4.40 -3.50 -9.76
C ILE A 16 -3.57 -3.70 -11.01
N GLN A 17 -3.36 -2.63 -11.75
CA GLN A 17 -2.60 -2.70 -12.98
C GLN A 17 -1.77 -1.45 -13.16
N THR A 18 -0.50 -1.64 -13.50
CA THR A 18 0.39 -0.53 -13.78
C THR A 18 1.10 -0.86 -15.07
N SER A 19 0.76 -0.08 -16.10
CA SER A 19 1.33 -0.30 -17.40
C SER A 19 2.24 0.84 -17.83
N SER A 20 3.54 0.57 -17.79
CA SER A 20 4.55 1.55 -18.17
C SER A 20 4.88 1.40 -19.67
N PHE A 21 4.62 2.47 -20.42
CA PHE A 21 4.88 2.53 -21.86
C PHE A 21 6.09 3.42 -22.05
N THR A 22 7.20 2.83 -22.50
CA THR A 22 8.44 3.59 -22.70
C THR A 22 8.50 4.15 -24.11
N ASN A 23 8.32 3.30 -25.09
CA ASN A 23 8.30 3.70 -26.50
C ASN A 23 7.21 2.94 -27.27
N SER A 24 7.12 3.23 -28.56
CA SER A 24 6.15 2.64 -29.48
C SER A 24 6.06 1.11 -29.50
N THR A 25 7.13 0.41 -29.11
CA THR A 25 7.16 -1.05 -29.10
C THR A 25 7.71 -1.65 -27.79
N TRP A 26 7.73 -0.85 -26.73
CA TRP A 26 8.20 -1.29 -25.41
C TRP A 26 7.14 -0.90 -24.41
N ALA A 27 6.55 -1.92 -23.77
CA ALA A 27 5.50 -1.76 -22.77
C ALA A 27 5.53 -2.86 -21.73
N GLN A 28 5.65 -2.50 -20.45
CA GLN A 28 5.64 -3.50 -19.38
C GLN A 28 4.41 -3.30 -18.50
N THR A 29 3.86 -4.41 -18.01
CA THR A 29 2.67 -4.40 -17.16
C THR A 29 2.92 -5.12 -15.83
N GLN A 30 2.43 -4.53 -14.74
CA GLN A 30 2.59 -5.10 -13.41
C GLN A 30 1.22 -5.19 -12.76
N GLY A 31 0.88 -6.36 -12.25
CA GLY A 31 -0.41 -6.58 -11.62
C GLY A 31 -0.33 -7.37 -10.33
N SER A 32 -1.42 -7.35 -9.56
CA SER A 32 -1.53 -8.06 -8.28
C SER A 32 -2.94 -8.00 -7.72
N GLY A 33 -3.30 -9.00 -6.91
CA GLY A 33 -4.61 -9.05 -6.28
C GLY A 33 -4.49 -8.74 -4.80
N TRP A 34 -5.38 -7.87 -4.32
CA TRP A 34 -5.35 -7.44 -2.93
C TRP A 34 -6.68 -7.65 -2.25
N LEU A 35 -6.62 -7.68 -0.93
CA LEU A 35 -7.77 -7.83 -0.05
C LEU A 35 -7.41 -6.67 0.86
N ASP A 36 -8.01 -5.51 0.57
CA ASP A 36 -7.72 -4.22 1.24
C ASP A 36 -6.23 -3.91 0.95
N ASP A 37 -5.42 -3.67 1.97
CA ASP A 37 -4.00 -3.37 1.79
C ASP A 37 -3.13 -4.63 1.75
N LEU A 38 -3.73 -5.78 2.04
CA LEU A 38 -3.03 -7.06 2.07
C LEU A 38 -3.02 -7.76 0.73
N GLN A 39 -1.82 -8.12 0.26
CA GLN A 39 -1.66 -8.78 -1.03
C GLN A 39 -1.87 -10.29 -0.92
N ILE A 40 -2.65 -10.83 -1.84
CA ILE A 40 -2.93 -12.26 -1.89
C ILE A 40 -2.52 -12.86 -3.24
N HIS A 41 -2.46 -12.02 -4.27
CA HIS A 41 -2.03 -12.47 -5.60
C HIS A 41 -0.87 -11.65 -6.13
N GLY A 42 -0.06 -12.31 -6.92
CA GLY A 42 1.06 -11.68 -7.56
C GLY A 42 0.89 -12.06 -9.01
N TRP A 43 1.57 -11.37 -9.91
CA TRP A 43 1.45 -11.69 -11.31
C TRP A 43 2.80 -11.84 -11.94
N ASP A 44 2.99 -13.00 -12.60
CA ASP A 44 4.23 -13.29 -13.31
C ASP A 44 3.98 -12.94 -14.76
N SER A 45 4.38 -11.71 -15.11
CA SER A 45 4.23 -11.12 -16.45
C SER A 45 4.71 -11.94 -17.64
N ASP A 46 5.88 -12.58 -17.48
CA ASP A 46 6.52 -13.41 -18.51
C ASP A 46 5.73 -14.68 -18.84
N SER A 47 5.38 -15.44 -17.80
CA SER A 47 4.61 -16.69 -17.98
C SER A 47 3.12 -16.44 -18.20
N GLY A 48 2.66 -15.28 -17.72
CA GLY A 48 1.27 -14.88 -17.83
C GLY A 48 0.38 -15.60 -16.84
N THR A 49 0.94 -15.97 -15.69
CA THR A 49 0.21 -16.69 -14.66
C THR A 49 0.23 -16.01 -13.29
N ALA A 50 -0.77 -16.33 -12.47
CA ALA A 50 -0.91 -15.77 -11.13
C ALA A 50 -0.03 -16.47 -10.10
N ILE A 51 0.49 -15.70 -9.14
CA ILE A 51 1.33 -16.23 -8.06
C ILE A 51 0.46 -16.15 -6.80
N PHE A 52 0.10 -17.31 -6.26
CA PHE A 52 -0.78 -17.39 -5.11
C PHE A 52 -0.07 -17.33 -3.76
N LEU A 53 0.03 -16.11 -3.24
CA LEU A 53 0.72 -15.80 -1.99
C LEU A 53 0.25 -16.45 -0.68
N LYS A 54 -1.00 -16.93 -0.66
CA LYS A 54 -1.57 -17.59 0.51
C LYS A 54 -2.21 -18.92 0.07
N PRO A 55 -2.21 -19.97 0.93
CA PRO A 55 -2.81 -21.26 0.53
C PRO A 55 -4.31 -21.26 0.23
N TRP A 56 -4.98 -20.17 0.58
CA TRP A 56 -6.41 -19.98 0.36
C TRP A 56 -6.71 -18.90 -0.69
N SER A 57 -5.68 -18.46 -1.40
CA SER A 57 -5.80 -17.41 -2.43
C SER A 57 -6.74 -17.71 -3.60
N LYS A 58 -7.06 -18.99 -3.79
CA LYS A 58 -7.96 -19.42 -4.85
C LYS A 58 -9.43 -19.24 -4.46
N GLY A 59 -9.67 -19.10 -3.16
CA GLY A 59 -11.03 -18.96 -2.64
C GLY A 59 -11.80 -20.27 -2.80
N ASN A 60 -13.03 -20.18 -3.30
CA ASN A 60 -13.87 -21.37 -3.52
C ASN A 60 -13.78 -21.87 -4.99
N PHE A 61 -12.99 -21.16 -5.78
CA PHE A 61 -12.79 -21.44 -7.20
C PHE A 61 -12.01 -22.71 -7.54
N SER A 62 -12.39 -23.32 -8.66
CA SER A 62 -11.75 -24.54 -9.15
C SER A 62 -10.51 -24.19 -9.98
N ASP A 63 -9.63 -25.17 -10.17
CA ASP A 63 -8.40 -24.99 -10.95
C ASP A 63 -8.67 -24.73 -12.43
N LYS A 64 -9.93 -24.90 -12.83
CA LYS A 64 -10.38 -24.67 -14.20
C LYS A 64 -10.84 -23.21 -14.28
N GLU A 65 -11.59 -22.81 -13.26
CA GLU A 65 -12.13 -21.46 -13.11
C GLU A 65 -11.01 -20.42 -12.95
N VAL A 66 -9.92 -20.83 -12.32
CA VAL A 66 -8.77 -19.97 -12.11
C VAL A 66 -7.88 -19.87 -13.35
N ALA A 67 -7.90 -20.92 -14.17
CA ALA A 67 -7.11 -20.98 -15.40
C ALA A 67 -7.82 -20.20 -16.51
N GLU A 68 -9.15 -20.14 -16.41
CA GLU A 68 -10.00 -19.41 -17.37
C GLU A 68 -9.75 -17.93 -17.18
N LEU A 69 -9.65 -17.56 -15.90
CA LEU A 69 -9.40 -16.18 -15.47
C LEU A 69 -7.99 -15.74 -15.80
N GLU A 70 -7.03 -16.66 -15.64
CA GLU A 70 -5.63 -16.37 -15.96
C GLU A 70 -5.49 -16.05 -17.44
N GLU A 71 -6.25 -16.78 -18.26
CA GLU A 71 -6.28 -16.62 -19.73
C GLU A 71 -6.90 -15.28 -20.11
N ILE A 72 -8.00 -14.90 -19.44
CA ILE A 72 -8.69 -13.63 -19.72
C ILE A 72 -7.74 -12.44 -19.49
N PHE A 73 -7.07 -12.42 -18.34
CA PHE A 73 -6.15 -11.34 -17.98
C PHE A 73 -4.93 -11.32 -18.90
N ARG A 74 -4.45 -12.52 -19.27
CA ARG A 74 -3.27 -12.67 -20.14
C ARG A 74 -3.53 -12.07 -21.53
N VAL A 75 -4.68 -12.37 -22.12
CA VAL A 75 -5.01 -11.82 -23.44
C VAL A 75 -5.34 -10.34 -23.36
N TYR A 76 -5.84 -9.92 -22.19
CA TYR A 76 -6.19 -8.52 -21.91
C TYR A 76 -4.91 -7.69 -21.86
N ILE A 77 -3.94 -8.16 -21.06
CA ILE A 77 -2.65 -7.48 -20.89
C ILE A 77 -1.92 -7.30 -22.20
N PHE A 78 -2.09 -8.27 -23.10
CA PHE A 78 -1.49 -8.21 -24.43
C PHE A 78 -2.28 -7.24 -25.29
N GLY A 79 -3.58 -7.48 -25.40
CA GLY A 79 -4.46 -6.64 -26.22
C GLY A 79 -4.57 -5.19 -25.82
N PHE A 80 -4.41 -4.91 -24.52
CA PHE A 80 -4.46 -3.55 -23.95
C PHE A 80 -3.24 -2.80 -24.44
N ALA A 81 -2.07 -3.41 -24.23
CA ALA A 81 -0.80 -2.85 -24.63
C ALA A 81 -0.73 -2.65 -26.14
N ARG A 82 -1.23 -3.63 -26.89
CA ARG A 82 -1.24 -3.61 -28.35
C ARG A 82 -2.02 -2.46 -28.95
N GLU A 83 -3.22 -2.22 -28.41
CA GLU A 83 -4.07 -1.17 -28.93
C GLU A 83 -3.74 0.24 -28.47
N VAL A 84 -3.05 0.35 -27.34
CA VAL A 84 -2.63 1.65 -26.82
C VAL A 84 -1.42 2.09 -27.66
N GLN A 85 -0.57 1.14 -28.04
CA GLN A 85 0.61 1.42 -28.85
C GLN A 85 0.18 1.78 -30.28
N ASP A 86 -0.98 1.25 -30.69
CA ASP A 86 -1.56 1.50 -32.02
C ASP A 86 -2.24 2.84 -32.14
N PHE A 87 -2.99 3.22 -31.11
CA PHE A 87 -3.73 4.48 -31.11
C PHE A 87 -3.14 5.60 -30.22
N ALA A 88 -1.82 5.60 -30.07
CA ALA A 88 -1.13 6.61 -29.25
C ALA A 88 -1.03 7.97 -29.93
N GLY A 89 -0.71 7.97 -31.22
CA GLY A 89 -0.59 9.20 -32.00
C GLY A 89 -1.96 9.81 -32.28
N ASP A 90 -2.96 8.93 -32.38
CA ASP A 90 -4.36 9.27 -32.62
C ASP A 90 -4.91 10.04 -31.41
N PHE A 91 -4.40 9.67 -30.23
CA PHE A 91 -4.81 10.28 -28.96
C PHE A 91 -3.86 11.38 -28.47
N GLN A 92 -2.85 11.69 -29.28
CA GLN A 92 -1.82 12.73 -29.02
C GLN A 92 -0.99 12.46 -27.74
N MET A 93 -0.67 11.19 -27.51
CA MET A 93 0.11 10.77 -26.34
C MET A 93 1.62 10.95 -26.48
N LYS A 94 2.22 11.53 -25.45
CA LYS A 94 3.67 11.79 -25.40
C LYS A 94 4.36 10.72 -24.55
N TYR A 95 5.34 10.04 -25.16
CA TYR A 95 6.12 9.00 -24.48
C TYR A 95 7.24 9.62 -23.63
N PRO A 96 7.53 9.06 -22.42
CA PRO A 96 6.93 7.91 -21.73
C PRO A 96 5.72 8.28 -20.87
N PHE A 97 4.79 7.33 -20.75
CA PHE A 97 3.58 7.50 -19.94
C PHE A 97 3.19 6.21 -19.23
N GLU A 98 2.37 6.36 -18.18
CA GLU A 98 1.90 5.24 -17.38
C GLU A 98 0.40 5.24 -17.16
N ILE A 99 -0.20 4.08 -17.39
CA ILE A 99 -1.62 3.90 -17.17
C ILE A 99 -1.75 3.03 -15.92
N GLN A 100 -2.74 3.37 -15.10
CA GLN A 100 -3.01 2.64 -13.87
C GLN A 100 -4.47 2.22 -13.81
N GLY A 101 -4.74 1.11 -13.14
CA GLY A 101 -6.11 0.66 -13.04
C GLY A 101 -6.40 -0.27 -11.88
N ILE A 102 -7.43 0.07 -11.12
CA ILE A 102 -7.86 -0.71 -9.97
C ILE A 102 -9.30 -1.14 -10.25
N ALA A 103 -9.60 -2.42 -9.99
CA ALA A 103 -10.94 -2.98 -10.22
C ALA A 103 -11.28 -4.10 -9.27
N GLY A 104 -12.48 -4.06 -8.74
CA GLY A 104 -12.93 -5.09 -7.82
C GLY A 104 -14.30 -4.82 -7.22
N CYS A 105 -14.59 -5.48 -6.11
CA CYS A 105 -15.88 -5.34 -5.42
C CYS A 105 -15.72 -5.33 -3.91
N GLU A 106 -16.77 -4.91 -3.19
CA GLU A 106 -16.74 -4.89 -1.73
C GLU A 106 -18.07 -5.18 -1.03
N LEU A 107 -17.96 -5.79 0.15
CA LEU A 107 -19.12 -6.14 0.97
C LEU A 107 -19.45 -5.04 1.94
N HIS A 108 -20.74 -4.75 2.05
CA HIS A 108 -21.23 -3.75 2.99
C HIS A 108 -22.06 -4.47 4.03
N SER A 109 -22.27 -3.82 5.18
CA SER A 109 -23.10 -4.40 6.22
C SER A 109 -24.54 -4.38 5.71
N GLY A 110 -25.18 -5.55 5.74
CA GLY A 110 -26.54 -5.68 5.26
C GLY A 110 -26.61 -6.67 4.11
N GLY A 111 -25.45 -6.97 3.51
CA GLY A 111 -25.38 -7.94 2.43
C GLY A 111 -25.04 -7.45 1.03
N ALA A 112 -25.21 -6.15 0.79
CA ALA A 112 -24.95 -5.57 -0.53
C ALA A 112 -23.47 -5.51 -0.96
N ILE A 113 -23.23 -5.82 -2.23
CA ILE A 113 -21.89 -5.81 -2.83
C ILE A 113 -21.75 -4.81 -3.97
N VAL A 114 -21.03 -3.73 -3.72
CA VAL A 114 -20.82 -2.73 -4.77
C VAL A 114 -19.49 -2.97 -5.49
N SER A 115 -19.55 -2.92 -6.82
CA SER A 115 -18.37 -3.12 -7.65
C SER A 115 -17.88 -1.79 -8.21
N PHE A 116 -16.58 -1.75 -8.51
CA PHE A 116 -15.93 -0.56 -9.04
C PHE A 116 -14.85 -0.88 -10.07
N LEU A 117 -14.44 0.15 -10.81
CA LEU A 117 -13.38 0.09 -11.80
C LEU A 117 -13.01 1.54 -12.09
N ARG A 118 -11.77 1.88 -11.80
CA ARG A 118 -11.26 3.23 -12.03
C ARG A 118 -9.99 3.12 -12.85
N GLY A 119 -9.79 4.04 -13.78
CA GLY A 119 -8.60 4.05 -14.63
C GLY A 119 -7.85 5.37 -14.49
N ALA A 120 -6.58 5.37 -14.87
CA ALA A 120 -5.73 6.56 -14.77
C ALA A 120 -4.66 6.71 -15.84
N LEU A 121 -4.25 7.97 -16.05
CA LEU A 121 -3.22 8.33 -17.02
C LEU A 121 -2.45 9.50 -16.39
N GLY A 122 -1.13 9.34 -16.31
CA GLY A 122 -0.26 10.35 -15.73
C GLY A 122 -0.51 10.63 -14.27
N GLY A 123 -1.08 9.65 -13.55
CA GLY A 123 -1.37 9.79 -12.14
C GLY A 123 -2.67 10.52 -11.83
N LEU A 124 -3.41 10.85 -12.88
CA LEU A 124 -4.68 11.56 -12.78
C LEU A 124 -5.80 10.67 -13.29
N ASP A 125 -6.99 10.83 -12.71
CA ASP A 125 -8.19 10.06 -13.09
C ASP A 125 -8.50 10.16 -14.60
N PHE A 126 -8.84 9.03 -15.20
CA PHE A 126 -9.16 9.00 -16.63
C PHE A 126 -10.62 8.57 -16.80
N LEU A 127 -10.92 7.34 -16.37
CA LEU A 127 -12.27 6.81 -16.47
C LEU A 127 -12.72 6.14 -15.19
N SER A 128 -13.98 5.74 -15.20
CA SER A 128 -14.64 5.08 -14.08
C SER A 128 -15.77 4.22 -14.67
N VAL A 129 -16.31 3.30 -13.88
CA VAL A 129 -17.43 2.44 -14.33
C VAL A 129 -18.54 2.42 -13.29
N LYS A 130 -19.57 3.21 -13.55
CA LYS A 130 -20.75 3.31 -12.69
C LYS A 130 -21.89 2.58 -13.41
N ASN A 131 -22.24 1.40 -12.86
CA ASN A 131 -23.26 0.47 -13.37
C ASN A 131 -23.29 0.20 -14.88
N ALA A 132 -22.36 -0.67 -15.29
CA ALA A 132 -22.15 -1.13 -16.68
C ALA A 132 -21.73 -0.13 -17.79
N SER A 133 -21.52 1.13 -17.44
CA SER A 133 -21.12 2.14 -18.42
C SER A 133 -19.89 2.98 -18.05
N CYS A 134 -19.12 3.34 -19.08
CA CYS A 134 -17.89 4.15 -18.99
C CYS A 134 -18.18 5.59 -18.65
N VAL A 135 -17.64 6.06 -17.53
CA VAL A 135 -17.84 7.44 -17.09
C VAL A 135 -16.51 8.19 -17.17
N PRO A 136 -16.33 9.04 -18.20
CA PRO A 136 -15.09 9.80 -18.36
C PRO A 136 -14.91 10.87 -17.29
N SER A 137 -13.70 10.96 -16.73
CA SER A 137 -13.40 11.94 -15.71
C SER A 137 -13.00 13.26 -16.38
N PRO A 138 -13.37 14.42 -15.79
CA PRO A 138 -13.00 15.72 -16.37
C PRO A 138 -11.48 15.96 -16.38
N GLU A 139 -10.77 15.14 -15.59
CA GLU A 139 -9.31 15.18 -15.46
C GLU A 139 -8.66 14.58 -16.70
N GLY A 140 -9.42 13.74 -17.40
CA GLY A 140 -8.95 13.09 -18.62
C GLY A 140 -9.21 13.98 -19.83
N GLY A 141 -10.15 14.90 -19.68
CA GLY A 141 -10.51 15.86 -20.72
C GLY A 141 -11.22 15.28 -21.93
N SER A 142 -10.79 15.74 -23.10
CA SER A 142 -11.36 15.32 -24.38
C SER A 142 -10.94 13.87 -24.70
N ARG A 143 -9.75 13.50 -24.23
CA ARG A 143 -9.18 12.16 -24.41
C ARG A 143 -10.06 11.07 -23.81
N ALA A 144 -10.54 11.30 -22.59
CA ALA A 144 -11.39 10.36 -21.86
C ALA A 144 -12.73 10.15 -22.56
N GLN A 145 -13.33 11.24 -23.05
CA GLN A 145 -14.60 11.21 -23.77
C GLN A 145 -14.45 10.45 -25.09
N LYS A 146 -13.31 10.67 -25.73
CA LYS A 146 -12.93 10.06 -27.00
C LYS A 146 -12.69 8.57 -26.82
N PHE A 147 -12.36 8.16 -25.59
CA PHE A 147 -12.10 6.76 -25.26
C PHE A 147 -13.38 6.01 -24.92
N CYS A 148 -14.20 6.58 -24.03
CA CYS A 148 -15.46 5.96 -23.61
C CYS A 148 -16.45 5.81 -24.78
N ALA A 149 -16.38 6.76 -25.71
CA ALA A 149 -17.23 6.78 -26.91
C ALA A 149 -16.80 5.72 -27.92
N LEU A 150 -15.54 5.32 -27.82
CA LEU A 150 -14.95 4.29 -28.69
C LEU A 150 -15.13 2.90 -28.07
N ILE A 151 -14.89 2.80 -26.76
CA ILE A 151 -14.96 1.55 -26.03
C ILE A 151 -16.34 0.84 -25.98
N ILE A 152 -17.41 1.62 -26.09
CA ILE A 152 -18.78 1.08 -26.06
C ILE A 152 -19.16 0.30 -27.33
N GLN A 153 -18.46 0.60 -28.43
CA GLN A 153 -18.69 -0.02 -29.73
C GLN A 153 -18.20 -1.48 -29.82
N TYR A 154 -17.32 -1.86 -28.90
CA TYR A 154 -16.79 -3.22 -28.81
C TYR A 154 -17.59 -3.98 -27.74
N GLN A 155 -18.71 -4.57 -28.16
CA GLN A 155 -19.62 -5.32 -27.28
C GLN A 155 -19.03 -6.54 -26.59
N GLY A 156 -18.13 -7.23 -27.30
CA GLY A 156 -17.49 -8.43 -26.78
C GLY A 156 -16.63 -8.25 -25.53
N ILE A 157 -15.97 -7.09 -25.43
CA ILE A 157 -15.14 -6.78 -24.28
C ILE A 157 -15.93 -6.12 -23.17
N MET A 158 -17.01 -5.42 -23.55
CA MET A 158 -17.89 -4.74 -22.60
C MET A 158 -18.72 -5.72 -21.80
N GLU A 159 -19.05 -6.84 -22.43
CA GLU A 159 -19.82 -7.92 -21.83
C GLU A 159 -18.97 -8.69 -20.85
N THR A 160 -17.71 -8.98 -21.23
CA THR A 160 -16.80 -9.72 -20.35
C THR A 160 -16.33 -8.93 -19.13
N VAL A 161 -16.45 -7.60 -19.18
CA VAL A 161 -16.09 -6.71 -18.06
C VAL A 161 -17.27 -6.75 -17.08
N ARG A 162 -18.48 -6.76 -17.64
CA ARG A 162 -19.73 -6.81 -16.90
C ARG A 162 -19.88 -8.12 -16.12
N ILE A 163 -19.49 -9.24 -16.75
CA ILE A 163 -19.56 -10.56 -16.13
C ILE A 163 -18.56 -10.60 -14.97
N LEU A 164 -17.34 -10.14 -15.22
CA LEU A 164 -16.28 -10.12 -14.23
C LEU A 164 -16.57 -9.27 -13.00
N LEU A 165 -17.05 -8.06 -13.27
CA LEU A 165 -17.33 -7.08 -12.23
C LEU A 165 -18.60 -7.32 -11.40
N TYR A 166 -19.67 -7.75 -12.05
CA TYR A 166 -20.95 -7.91 -11.36
C TYR A 166 -21.42 -9.31 -11.00
N GLU A 167 -20.74 -10.33 -11.53
CA GLU A 167 -21.07 -11.73 -11.24
C GLU A 167 -19.91 -12.50 -10.63
N THR A 168 -18.77 -12.49 -11.30
CA THR A 168 -17.56 -13.21 -10.85
C THR A 168 -16.89 -12.62 -9.62
N CYS A 169 -16.80 -11.28 -9.55
CA CYS A 169 -16.18 -10.62 -8.41
C CYS A 169 -16.89 -10.92 -7.09
N PRO A 170 -18.24 -10.75 -7.00
CA PRO A 170 -18.84 -11.09 -5.71
C PRO A 170 -18.76 -12.57 -5.38
N ARG A 171 -18.84 -13.42 -6.42
CA ARG A 171 -18.78 -14.89 -6.26
C ARG A 171 -17.41 -15.25 -5.68
N TYR A 172 -16.43 -14.40 -6.00
CA TYR A 172 -15.07 -14.58 -5.52
C TYR A 172 -14.90 -14.08 -4.09
N LEU A 173 -15.24 -12.81 -3.86
CA LEU A 173 -15.11 -12.15 -2.55
C LEU A 173 -15.48 -13.04 -1.36
N LEU A 174 -16.67 -13.63 -1.41
CA LEU A 174 -17.16 -14.50 -0.34
C LEU A 174 -16.33 -15.75 -0.17
N GLY A 175 -15.81 -16.27 -1.27
CA GLY A 175 -14.99 -17.46 -1.25
C GLY A 175 -13.70 -17.25 -0.47
N VAL A 176 -12.99 -16.14 -0.74
CA VAL A 176 -11.74 -15.81 -0.05
C VAL A 176 -11.93 -15.32 1.36
N LEU A 177 -13.00 -14.56 1.60
CA LEU A 177 -13.28 -14.02 2.93
C LEU A 177 -13.57 -15.14 3.90
N ASN A 178 -14.13 -16.21 3.35
CA ASN A 178 -14.48 -17.40 4.09
C ASN A 178 -13.26 -18.33 4.21
N ALA A 179 -12.63 -18.61 3.07
CA ALA A 179 -11.45 -19.47 3.01
C ALA A 179 -10.29 -18.98 3.88
N GLY A 180 -10.18 -17.66 3.98
CA GLY A 180 -9.13 -17.03 4.75
C GLY A 180 -9.53 -16.52 6.12
N LYS A 181 -10.70 -16.93 6.59
CA LYS A 181 -11.26 -16.54 7.90
C LYS A 181 -10.21 -16.59 9.03
N ALA A 182 -9.39 -17.64 9.01
CA ALA A 182 -8.34 -17.90 9.99
C ALA A 182 -7.25 -16.81 10.09
N ASP A 183 -6.79 -16.33 8.94
CA ASP A 183 -5.77 -15.28 8.89
C ASP A 183 -6.39 -13.88 8.89
N LEU A 184 -7.48 -13.71 8.14
CA LEU A 184 -8.17 -12.43 7.99
C LEU A 184 -8.89 -11.88 9.22
N GLN A 185 -9.51 -12.75 10.00
CA GLN A 185 -10.24 -12.34 11.21
C GLN A 185 -9.46 -12.65 12.48
N ARG A 186 -8.14 -12.70 12.31
CA ARG A 186 -7.16 -12.95 13.36
C ARG A 186 -6.98 -11.66 14.19
N GLN A 187 -6.60 -11.81 15.46
CA GLN A 187 -6.40 -10.65 16.34
C GLN A 187 -5.03 -10.70 17.02
N VAL A 188 -4.04 -10.03 16.42
CA VAL A 188 -2.68 -9.98 16.97
C VAL A 188 -2.55 -8.73 17.84
N LYS A 189 -2.10 -8.95 19.08
CA LYS A 189 -1.92 -7.89 20.09
C LYS A 189 -0.72 -6.96 19.86
N PRO A 190 -0.93 -5.64 19.96
CA PRO A 190 0.14 -4.66 19.76
C PRO A 190 1.16 -4.60 20.88
N GLU A 191 2.34 -4.08 20.57
CA GLU A 191 3.40 -3.89 21.54
C GLU A 191 3.75 -2.41 21.47
N ALA A 192 3.96 -1.80 22.63
CA ALA A 192 4.27 -0.38 22.68
C ALA A 192 5.54 0.00 23.43
N TRP A 193 6.13 1.13 23.02
CA TRP A 193 7.34 1.66 23.64
C TRP A 193 7.43 3.16 23.45
N LEU A 194 8.18 3.82 24.34
CA LEU A 194 8.36 5.27 24.30
C LEU A 194 9.81 5.66 24.03
N SER A 195 9.98 6.87 23.51
CA SER A 195 11.30 7.44 23.22
C SER A 195 11.20 8.96 23.07
N SER A 196 12.36 9.61 23.11
CA SER A 196 12.44 11.05 22.98
C SER A 196 13.03 11.34 21.61
N GLY A 197 12.20 11.87 20.72
CA GLY A 197 12.64 12.18 19.37
C GLY A 197 13.49 13.43 19.28
N PRO A 198 13.73 13.97 18.06
CA PRO A 198 14.54 15.18 17.90
C PRO A 198 13.84 16.39 18.52
N SER A 199 14.57 17.11 19.38
CA SER A 199 14.04 18.30 20.07
C SER A 199 13.71 19.44 19.09
N PRO A 200 12.41 19.82 18.99
CA PRO A 200 11.96 20.89 18.08
C PRO A 200 12.42 22.28 18.55
N GLY A 201 12.08 22.61 19.80
CA GLY A 201 12.48 23.87 20.36
C GLY A 201 13.70 23.64 21.25
N PRO A 202 14.52 24.68 21.54
CA PRO A 202 15.72 24.54 22.38
C PRO A 202 15.40 24.12 23.83
N GLY A 203 14.18 24.48 24.27
CA GLY A 203 13.74 24.15 25.61
C GLY A 203 12.54 23.20 25.59
N ARG A 204 12.23 22.66 24.41
CA ARG A 204 11.11 21.73 24.24
C ARG A 204 11.57 20.28 24.14
N LEU A 205 10.61 19.39 23.89
CA LEU A 205 10.87 17.96 23.78
C LEU A 205 9.81 17.28 22.93
N GLN A 206 10.24 16.31 22.11
CA GLN A 206 9.35 15.55 21.24
C GLN A 206 9.05 14.20 21.88
N LEU A 207 7.80 14.04 22.30
CA LEU A 207 7.34 12.83 22.93
C LEU A 207 6.82 11.85 21.88
N VAL A 208 7.49 10.71 21.76
CA VAL A 208 7.12 9.70 20.76
C VAL A 208 6.52 8.42 21.34
N CYS A 209 5.32 8.08 20.88
CA CYS A 209 4.66 6.84 21.29
C CYS A 209 4.66 5.90 20.07
N HIS A 210 5.21 4.71 20.27
CA HIS A 210 5.28 3.72 19.20
C HIS A 210 4.33 2.57 19.48
N VAL A 211 3.66 2.10 18.43
CA VAL A 211 2.72 0.97 18.49
C VAL A 211 3.10 0.11 17.30
N SER A 212 3.22 -1.22 17.51
CA SER A 212 3.61 -2.13 16.43
C SER A 212 3.23 -3.57 16.68
N GLY A 213 3.18 -4.34 15.59
CA GLY A 213 2.87 -5.75 15.66
C GLY A 213 1.41 -6.13 15.70
N PHE A 214 0.50 -5.19 15.44
CA PHE A 214 -0.94 -5.47 15.48
C PHE A 214 -1.72 -5.79 14.20
N TYR A 215 -2.82 -6.49 14.37
CA TYR A 215 -3.73 -6.85 13.29
C TYR A 215 -5.08 -7.04 13.98
N PRO A 216 -6.19 -6.51 13.41
CA PRO A 216 -6.42 -5.72 12.18
C PRO A 216 -5.97 -4.26 12.23
N LYS A 217 -6.17 -3.58 11.12
CA LYS A 217 -5.79 -2.17 10.93
C LYS A 217 -6.39 -1.12 11.88
N PRO A 218 -7.73 -1.15 12.18
CA PRO A 218 -8.28 -0.14 13.10
C PRO A 218 -7.63 -0.10 14.50
N VAL A 219 -7.13 1.08 14.86
CA VAL A 219 -6.45 1.30 16.14
C VAL A 219 -6.62 2.76 16.60
N TRP A 220 -6.62 2.94 17.91
CA TRP A 220 -6.78 4.27 18.52
C TRP A 220 -5.56 4.55 19.40
N VAL A 221 -4.84 5.63 19.12
CA VAL A 221 -3.66 6.00 19.91
C VAL A 221 -3.64 7.50 20.17
N MET A 222 -3.58 7.88 21.44
CA MET A 222 -3.53 9.29 21.83
C MET A 222 -2.62 9.50 23.02
N TRP A 223 -2.13 10.74 23.13
CA TRP A 223 -1.32 11.14 24.26
C TRP A 223 -2.32 11.73 25.26
N MET A 224 -2.29 11.25 26.50
CA MET A 224 -3.20 11.67 27.57
C MET A 224 -2.51 12.36 28.74
N ARG A 225 -3.35 12.96 29.59
CA ARG A 225 -2.97 13.61 30.84
C ARG A 225 -4.10 13.17 31.76
N GLY A 226 -3.94 11.95 32.28
CA GLY A 226 -4.93 11.34 33.14
C GLY A 226 -6.06 10.80 32.30
N GLU A 227 -7.19 11.50 32.35
CA GLU A 227 -8.38 11.14 31.58
C GLU A 227 -8.71 12.26 30.57
N GLN A 228 -7.76 13.18 30.40
CA GLN A 228 -7.91 14.31 29.47
C GLN A 228 -6.91 14.18 28.33
N GLU A 229 -7.43 13.98 27.11
CA GLU A 229 -6.59 13.84 25.92
C GLU A 229 -6.06 15.14 25.34
N GLN A 230 -4.84 15.07 24.80
CA GLN A 230 -4.17 16.22 24.20
C GLN A 230 -4.57 16.37 22.74
N GLN A 231 -4.92 17.59 22.34
CA GLN A 231 -5.34 17.89 20.97
C GLN A 231 -4.19 18.03 19.97
N GLY A 232 -3.00 18.39 20.49
CA GLY A 232 -1.81 18.56 19.65
C GLY A 232 -1.08 17.28 19.32
N THR A 233 -1.75 16.15 19.54
CA THR A 233 -1.22 14.81 19.27
C THR A 233 -1.22 14.53 17.78
N GLN A 234 -0.03 14.60 17.17
CA GLN A 234 0.14 14.35 15.75
C GLN A 234 0.35 12.87 15.51
N LEU A 235 -0.62 12.30 14.80
CA LEU A 235 -0.67 10.89 14.44
C LEU A 235 0.13 10.66 13.15
N GLY A 236 0.94 9.59 13.13
CA GLY A 236 1.73 9.26 11.96
C GLY A 236 0.94 8.40 10.98
N ASP A 237 1.61 7.92 9.93
CA ASP A 237 0.94 7.06 8.94
C ASP A 237 0.95 5.62 9.42
N ILE A 238 -0.04 4.83 8.98
CA ILE A 238 -0.12 3.42 9.36
C ILE A 238 0.75 2.63 8.40
N LEU A 239 2.03 2.56 8.77
CA LEU A 239 3.09 1.88 8.04
C LEU A 239 3.04 0.35 8.18
N PRO A 240 3.33 -0.39 7.08
CA PRO A 240 3.27 -1.85 7.16
C PRO A 240 4.53 -2.59 7.58
N ASN A 241 4.31 -3.86 7.89
CA ASN A 241 5.33 -4.83 8.25
C ASN A 241 4.90 -6.01 7.36
N ALA A 242 5.85 -6.71 6.77
CA ALA A 242 5.58 -7.84 5.87
C ALA A 242 4.92 -9.08 6.48
N ASN A 243 4.83 -9.11 7.80
CA ASN A 243 4.20 -10.24 8.53
C ASN A 243 2.71 -9.96 8.74
N TRP A 244 2.16 -9.10 7.88
CA TRP A 244 0.75 -8.70 7.90
C TRP A 244 0.34 -8.00 9.18
N THR A 245 1.25 -7.17 9.69
CA THR A 245 0.99 -6.40 10.91
C THR A 245 1.27 -4.94 10.60
N TRP A 246 0.95 -4.07 11.54
CA TRP A 246 1.13 -2.63 11.32
C TRP A 246 2.08 -1.89 12.26
N TYR A 247 2.30 -0.61 11.97
CA TYR A 247 3.19 0.27 12.74
C TYR A 247 2.58 1.68 12.74
N LEU A 248 2.54 2.29 13.91
CA LEU A 248 2.00 3.64 14.07
C LEU A 248 2.81 4.42 15.09
N ARG A 249 2.96 5.71 14.80
CA ARG A 249 3.68 6.65 15.64
C ARG A 249 2.69 7.72 16.09
N ALA A 250 2.81 8.18 17.33
CA ALA A 250 1.94 9.23 17.87
C ALA A 250 2.84 10.19 18.61
N THR A 251 2.99 11.40 18.06
CA THR A 251 3.87 12.40 18.65
C THR A 251 3.20 13.58 19.33
N LEU A 252 3.97 14.22 20.21
CA LEU A 252 3.55 15.42 20.94
C LEU A 252 4.74 16.34 21.20
N ASP A 253 4.60 17.59 20.76
CA ASP A 253 5.61 18.63 20.96
C ASP A 253 5.23 19.26 22.30
N VAL A 254 6.11 19.12 23.29
CA VAL A 254 5.83 19.63 24.63
C VAL A 254 7.04 20.30 25.28
N ALA A 255 6.77 21.12 26.31
CA ALA A 255 7.81 21.82 27.08
C ALA A 255 8.41 20.85 28.11
N ASP A 256 9.67 21.07 28.48
CA ASP A 256 10.41 20.23 29.44
C ASP A 256 9.71 19.78 30.73
N GLY A 257 9.14 20.74 31.45
CA GLY A 257 8.44 20.44 32.70
C GLY A 257 7.09 19.75 32.54
N GLU A 258 6.45 19.99 31.40
CA GLU A 258 5.13 19.41 31.09
C GLU A 258 5.11 17.93 30.74
N ALA A 259 6.26 17.39 30.34
CA ALA A 259 6.43 15.98 29.95
C ALA A 259 6.00 14.98 31.03
N ALA A 260 6.19 15.38 32.29
CA ALA A 260 5.81 14.55 33.43
C ALA A 260 4.30 14.60 33.62
N GLY A 261 3.71 13.43 33.86
CA GLY A 261 2.26 13.34 34.05
C GLY A 261 1.58 12.85 32.79
N LEU A 262 2.29 12.98 31.67
CA LEU A 262 1.77 12.55 30.38
C LEU A 262 1.91 11.06 30.13
N SER A 263 0.86 10.48 29.56
CA SER A 263 0.82 9.06 29.24
C SER A 263 0.30 8.83 27.83
N CYS A 264 0.65 7.69 27.25
CA CYS A 264 0.19 7.31 25.92
C CYS A 264 -0.87 6.24 26.13
N ARG A 265 -1.95 6.28 25.34
CA ARG A 265 -3.01 5.27 25.47
C ARG A 265 -3.32 4.60 24.13
N VAL A 266 -3.27 3.28 24.12
CA VAL A 266 -3.51 2.49 22.92
C VAL A 266 -4.72 1.58 23.07
N LYS A 267 -5.72 1.80 22.22
CA LYS A 267 -6.93 0.96 22.21
C LYS A 267 -6.90 0.16 20.91
N HIS A 268 -7.05 -1.16 21.04
CA HIS A 268 -7.09 -2.07 19.89
C HIS A 268 -8.07 -3.20 20.19
N SER A 269 -8.71 -3.71 19.14
CA SER A 269 -9.70 -4.78 19.21
C SER A 269 -9.24 -6.11 19.83
N SER A 270 -7.92 -6.33 19.85
CA SER A 270 -7.33 -7.55 20.42
C SER A 270 -7.07 -7.43 21.90
N LEU A 271 -7.12 -6.19 22.39
CA LEU A 271 -6.89 -5.88 23.80
C LEU A 271 -8.09 -6.13 24.70
N GLU A 272 -9.29 -6.09 24.11
CA GLU A 272 -10.58 -6.34 24.80
C GLU A 272 -10.79 -5.56 26.11
N GLY A 273 -10.83 -4.24 25.99
CA GLY A 273 -11.04 -3.37 27.13
C GLY A 273 -9.79 -3.05 27.92
N GLN A 274 -8.85 -4.01 27.94
CA GLN A 274 -7.57 -3.87 28.66
C GLN A 274 -6.56 -3.06 27.84
N ASP A 275 -6.74 -1.74 27.86
CA ASP A 275 -5.90 -0.77 27.14
C ASP A 275 -4.45 -0.71 27.61
N ILE A 276 -3.57 -0.32 26.69
CA ILE A 276 -2.15 -0.18 27.00
C ILE A 276 -1.89 1.29 27.35
N ILE A 277 -1.63 1.54 28.63
CA ILE A 277 -1.32 2.89 29.09
C ILE A 277 0.14 2.88 29.54
N LEU A 278 0.95 3.74 28.93
CA LEU A 278 2.37 3.85 29.21
C LEU A 278 2.70 5.28 29.61
N TYR A 279 3.30 5.45 30.78
CA TYR A 279 3.62 6.77 31.34
C TYR A 279 5.07 7.22 31.14
N TRP A 280 5.26 8.54 31.09
CA TRP A 280 6.58 9.12 30.93
C TRP A 280 7.24 9.22 32.31
N GLY A 281 8.41 8.59 32.46
CA GLY A 281 9.12 8.58 33.73
C GLY A 281 10.18 9.65 33.91
N PRO A 282 10.02 10.63 34.84
CA PRO A 282 10.95 11.74 35.14
C PRO A 282 12.31 11.26 35.65
N GLY A 283 12.33 10.33 36.48
N MET B 1 1.64 14.15 -17.53
CA MET B 1 2.67 13.31 -16.85
C MET B 1 3.36 14.12 -15.74
N ILE B 2 2.91 13.89 -14.50
CA ILE B 2 3.43 14.57 -13.32
C ILE B 2 4.60 13.80 -12.69
N GLN B 3 5.29 14.47 -11.77
CA GLN B 3 6.44 13.90 -11.05
C GLN B 3 6.34 14.24 -9.56
N ARG B 4 6.20 13.21 -8.72
CA ARG B 4 6.10 13.39 -7.25
C ARG B 4 7.28 12.71 -6.58
N THR B 5 7.90 13.36 -5.59
CA THR B 5 9.04 12.80 -4.84
C THR B 5 8.57 11.80 -3.78
N PRO B 6 9.30 10.68 -3.62
CA PRO B 6 8.91 9.69 -2.61
C PRO B 6 9.14 10.13 -1.18
N LYS B 7 8.19 9.79 -0.32
CA LYS B 7 8.26 10.07 1.12
C LYS B 7 9.00 8.84 1.63
N ILE B 8 10.03 9.05 2.44
CA ILE B 8 10.84 7.93 2.94
C ILE B 8 10.79 7.77 4.46
N GLN B 9 10.24 6.65 4.93
CA GLN B 9 10.18 6.36 6.36
C GLN B 9 11.01 5.13 6.72
N VAL B 10 12.00 5.31 7.60
CA VAL B 10 12.83 4.19 8.03
C VAL B 10 12.46 3.87 9.48
N TYR B 11 12.19 2.60 9.73
CA TYR B 11 11.76 2.13 11.05
C TYR B 11 12.03 0.64 11.27
N SER B 12 12.19 0.25 12.53
CA SER B 12 12.39 -1.15 12.88
C SER B 12 11.04 -1.70 13.32
N ARG B 13 10.80 -2.99 13.07
CA ARG B 13 9.54 -3.65 13.42
C ARG B 13 9.36 -3.71 14.94
N HIS B 14 10.46 -4.00 15.64
CA HIS B 14 10.49 -4.14 17.10
C HIS B 14 11.47 -3.11 17.68
N PRO B 15 11.33 -2.76 18.99
CA PRO B 15 12.26 -1.78 19.59
C PRO B 15 13.72 -2.25 19.62
N ALA B 16 14.61 -1.32 19.33
CA ALA B 16 16.05 -1.57 19.30
C ALA B 16 16.68 -1.98 20.63
N GLU B 17 17.07 -3.25 20.71
CA GLU B 17 17.74 -3.84 21.86
C GLU B 17 19.02 -4.44 21.26
N ASN B 18 20.16 -3.83 21.57
CA ASN B 18 21.48 -4.24 21.07
C ASN B 18 21.80 -5.73 21.21
N GLY B 19 22.08 -6.37 20.06
CA GLY B 19 22.41 -7.79 20.04
C GLY B 19 21.27 -8.69 19.64
N LYS B 20 20.03 -8.24 19.84
CA LYS B 20 18.83 -9.02 19.50
C LYS B 20 18.42 -8.83 18.02
N SER B 21 17.87 -9.90 17.43
CA SER B 21 17.40 -9.91 16.04
C SER B 21 16.15 -9.04 15.89
N ASN B 22 16.02 -8.41 14.73
CA ASN B 22 14.92 -7.49 14.43
C ASN B 22 14.76 -7.39 12.90
N PHE B 23 13.80 -6.58 12.45
CA PHE B 23 13.53 -6.35 11.02
C PHE B 23 13.58 -4.85 10.71
N LEU B 24 14.43 -4.46 9.76
CA LEU B 24 14.58 -3.04 9.35
C LEU B 24 13.71 -2.79 8.16
N ASN B 25 12.95 -1.69 8.19
CA ASN B 25 12.04 -1.36 7.12
C ASN B 25 12.24 0.02 6.54
N CYS B 26 11.99 0.12 5.23
CA CYS B 26 12.05 1.39 4.52
C CYS B 26 10.83 1.43 3.62
N TYR B 27 9.91 2.35 3.95
CA TYR B 27 8.66 2.51 3.22
C TYR B 27 8.70 3.75 2.36
N VAL B 28 8.70 3.54 1.04
CA VAL B 28 8.71 4.63 0.08
C VAL B 28 7.31 4.81 -0.49
N SER B 29 6.76 6.00 -0.32
CA SER B 29 5.40 6.30 -0.77
C SER B 29 5.24 7.65 -1.42
N GLY B 30 4.06 7.87 -2.00
CA GLY B 30 3.73 9.13 -2.63
C GLY B 30 4.49 9.52 -3.89
N PHE B 31 5.05 8.54 -4.62
CA PHE B 31 5.79 8.86 -5.82
C PHE B 31 5.08 8.56 -7.10
N HIS B 32 5.56 9.21 -8.16
CA HIS B 32 5.05 9.07 -9.52
C HIS B 32 6.14 9.62 -10.44
N PRO B 33 6.59 8.84 -11.46
CA PRO B 33 6.26 7.49 -11.93
C PRO B 33 6.79 6.38 -11.03
N SER B 34 6.46 5.14 -11.39
CA SER B 34 6.86 3.97 -10.62
C SER B 34 8.35 3.65 -10.56
N ASP B 35 9.05 3.76 -11.70
CA ASP B 35 10.50 3.48 -11.82
C ASP B 35 11.30 4.02 -10.63
N ILE B 36 11.78 3.10 -9.80
CA ILE B 36 12.53 3.47 -8.60
C ILE B 36 13.55 2.41 -8.19
N GLU B 37 14.65 2.89 -7.62
CA GLU B 37 15.73 2.05 -7.15
C GLU B 37 15.91 2.39 -5.67
N VAL B 38 15.71 1.39 -4.82
CA VAL B 38 15.88 1.56 -3.37
C VAL B 38 16.85 0.51 -2.84
N ASP B 39 17.73 0.95 -1.95
CA ASP B 39 18.72 0.11 -1.29
C ASP B 39 18.72 0.37 0.19
N LEU B 40 19.07 -0.66 0.95
CA LEU B 40 19.18 -0.58 2.40
C LEU B 40 20.68 -0.65 2.69
N LEU B 41 21.20 0.37 3.35
CA LEU B 41 22.62 0.46 3.65
C LEU B 41 23.02 0.07 5.05
N LYS B 42 24.26 -0.41 5.16
CA LYS B 42 24.88 -0.80 6.43
C LYS B 42 26.21 -0.08 6.40
N ASN B 43 26.28 1.01 7.16
CA ASN B 43 27.45 1.87 7.30
C ASN B 43 27.95 2.46 5.97
N GLY B 44 27.02 2.64 5.03
CA GLY B 44 27.34 3.19 3.73
C GLY B 44 27.33 2.18 2.58
N GLU B 45 27.40 0.89 2.90
CA GLU B 45 27.39 -0.17 1.88
C GLU B 45 26.10 -0.98 1.86
N ARG B 46 25.60 -1.26 0.65
CA ARG B 46 24.36 -1.99 0.43
C ARG B 46 24.32 -3.44 0.92
N ILE B 47 23.16 -3.80 1.47
CA ILE B 47 22.88 -5.13 2.01
C ILE B 47 22.38 -6.03 0.85
N GLU B 48 22.85 -7.28 0.86
CA GLU B 48 22.53 -8.24 -0.19
C GLU B 48 21.11 -8.81 -0.25
N LYS B 49 20.69 -9.51 0.81
CA LYS B 49 19.35 -10.10 0.86
C LYS B 49 18.31 -9.13 1.43
N VAL B 50 17.63 -8.43 0.50
CA VAL B 50 16.58 -7.46 0.85
C VAL B 50 15.34 -7.81 0.03
N GLU B 51 14.23 -8.10 0.69
CA GLU B 51 13.00 -8.41 -0.02
C GLU B 51 12.15 -7.16 -0.17
N HIS B 52 11.31 -7.14 -1.19
CA HIS B 52 10.43 -6.00 -1.43
C HIS B 52 9.08 -6.42 -1.95
N SER B 53 8.05 -5.68 -1.55
CA SER B 53 6.68 -5.94 -1.99
C SER B 53 6.53 -5.66 -3.49
N ASP B 54 5.51 -6.27 -4.10
CA ASP B 54 5.23 -6.03 -5.51
C ASP B 54 4.69 -4.61 -5.57
N LEU B 55 4.72 -4.02 -6.76
CA LEU B 55 4.25 -2.65 -6.92
C LEU B 55 2.80 -2.47 -6.54
N SER B 56 2.56 -1.39 -5.82
CA SER B 56 1.23 -1.04 -5.40
C SER B 56 1.06 0.46 -5.41
N PHE B 57 -0.20 0.88 -5.38
CA PHE B 57 -0.54 2.30 -5.34
C PHE B 57 -1.76 2.57 -4.47
N SER B 58 -1.78 3.75 -3.88
CA SER B 58 -2.88 4.20 -3.02
C SER B 58 -4.01 4.80 -3.86
N LYS B 59 -5.06 5.28 -3.19
CA LYS B 59 -6.24 5.88 -3.82
C LYS B 59 -5.96 7.02 -4.81
N ASP B 60 -5.11 7.96 -4.39
CA ASP B 60 -4.73 9.12 -5.19
C ASP B 60 -3.75 8.80 -6.34
N TRP B 61 -3.62 7.49 -6.61
CA TRP B 61 -2.76 6.89 -7.66
C TRP B 61 -1.25 6.94 -7.46
N SER B 62 -0.79 7.47 -6.33
CA SER B 62 0.64 7.54 -6.07
C SER B 62 1.15 6.17 -5.65
N PHE B 63 2.36 5.83 -6.05
CA PHE B 63 2.95 4.53 -5.75
C PHE B 63 3.60 4.38 -4.38
N TYR B 64 3.59 3.15 -3.87
CA TYR B 64 4.20 2.83 -2.58
C TYR B 64 4.87 1.45 -2.60
N LEU B 65 5.95 1.30 -1.84
CA LEU B 65 6.70 0.04 -1.74
C LEU B 65 7.36 -0.11 -0.37
N LEU B 66 7.51 -1.35 0.08
CA LEU B 66 8.15 -1.65 1.35
C LEU B 66 9.39 -2.51 1.10
N TYR B 67 10.52 -2.08 1.63
CA TYR B 67 11.79 -2.79 1.53
C TYR B 67 12.19 -3.19 2.95
N TYR B 68 12.43 -4.48 3.16
CA TYR B 68 12.78 -5.02 4.47
C TYR B 68 13.90 -6.06 4.49
N THR B 69 14.45 -6.31 5.68
CA THR B 69 15.52 -7.31 5.93
C THR B 69 15.66 -7.64 7.42
N GLU B 70 15.94 -8.91 7.73
CA GLU B 70 16.13 -9.41 9.10
C GLU B 70 17.54 -9.09 9.60
N PHE B 71 17.67 -8.01 10.37
CA PHE B 71 18.96 -7.56 10.89
C PHE B 71 19.20 -7.72 12.39
N THR B 72 20.42 -7.41 12.82
CA THR B 72 20.81 -7.49 14.23
C THR B 72 21.54 -6.17 14.59
N PRO B 73 20.85 -5.24 15.29
CA PRO B 73 21.42 -3.94 15.70
C PRO B 73 22.42 -3.96 16.87
N THR B 74 23.47 -3.15 16.73
CA THR B 74 24.50 -3.02 17.76
C THR B 74 24.74 -1.53 18.01
N GLU B 75 25.73 -1.23 18.86
CA GLU B 75 26.11 0.13 19.24
C GLU B 75 26.37 1.14 18.12
N LYS B 76 27.52 1.04 17.47
CA LYS B 76 27.88 1.99 16.42
C LYS B 76 27.47 1.68 14.99
N ASP B 77 26.84 0.51 14.77
CA ASP B 77 26.39 0.10 13.44
C ASP B 77 25.25 0.99 12.92
N GLU B 78 25.61 1.91 12.03
CA GLU B 78 24.66 2.85 11.43
C GLU B 78 23.99 2.28 10.19
N TYR B 79 22.68 2.47 10.10
CA TYR B 79 21.85 1.99 8.98
C TYR B 79 21.13 3.15 8.29
N ALA B 80 20.80 2.95 7.00
CA ALA B 80 20.11 3.96 6.19
C ALA B 80 19.35 3.36 5.00
N CYS B 81 18.63 4.23 4.28
CA CYS B 81 17.86 3.84 3.11
C CYS B 81 18.22 4.80 1.96
N ARG B 82 18.82 4.24 0.90
CA ARG B 82 19.23 5.02 -0.27
C ARG B 82 18.16 4.89 -1.33
N VAL B 83 17.71 6.02 -1.86
CA VAL B 83 16.64 6.06 -2.87
C VAL B 83 16.99 6.86 -4.13
N ASN B 84 16.73 6.26 -5.29
CA ASN B 84 16.96 6.88 -6.61
C ASN B 84 15.63 7.00 -7.35
N HIS B 85 15.26 8.23 -7.71
CA HIS B 85 14.02 8.51 -8.44
C HIS B 85 14.28 9.66 -9.42
N VAL B 86 13.42 9.81 -10.43
CA VAL B 86 13.54 10.86 -11.45
C VAL B 86 13.50 12.30 -10.90
N THR B 87 12.88 12.46 -9.74
CA THR B 87 12.79 13.78 -9.10
C THR B 87 14.07 14.19 -8.38
N LEU B 88 14.86 13.20 -7.97
CA LEU B 88 16.12 13.40 -7.27
C LEU B 88 17.30 13.58 -8.24
N SER B 89 18.15 14.56 -7.94
CA SER B 89 19.34 14.84 -8.75
C SER B 89 20.44 13.85 -8.38
N GLN B 90 20.55 13.58 -7.09
CA GLN B 90 21.51 12.65 -6.53
C GLN B 90 20.70 11.76 -5.57
N PRO B 91 21.12 10.48 -5.37
CA PRO B 91 20.39 9.59 -4.46
C PRO B 91 20.22 10.14 -3.04
N LYS B 92 19.01 10.02 -2.52
CA LYS B 92 18.66 10.51 -1.19
C LYS B 92 18.86 9.45 -0.11
N ILE B 93 19.67 9.80 0.89
CA ILE B 93 19.96 8.90 2.02
C ILE B 93 19.26 9.39 3.31
N VAL B 94 18.37 8.56 3.85
CA VAL B 94 17.66 8.90 5.09
C VAL B 94 18.09 7.87 6.13
N LYS B 95 18.79 8.35 7.16
CA LYS B 95 19.30 7.50 8.24
C LYS B 95 18.23 6.94 9.17
N TRP B 96 18.56 5.81 9.80
CA TRP B 96 17.68 5.16 10.75
C TRP B 96 18.00 5.74 12.12
N ASP B 97 17.02 6.42 12.68
CA ASP B 97 17.12 7.04 14.00
C ASP B 97 16.25 6.14 14.89
N ARG B 98 16.91 5.50 15.85
CA ARG B 98 16.29 4.57 16.80
C ARG B 98 15.25 5.23 17.71
N ASP B 99 15.57 6.45 18.14
CA ASP B 99 14.73 7.24 19.04
C ASP B 99 13.58 8.00 18.37
N MET B 100 13.53 7.96 17.03
CA MET B 100 12.48 8.63 16.27
C MET B 100 11.25 7.73 16.06
#